data_2Z9O
#
_entry.id   2Z9O
#
_cell.length_a   60.729
_cell.length_b   99.316
_cell.length_c   95.003
_cell.angle_alpha   90.00
_cell.angle_beta   108.55
_cell.angle_gamma   90.00
#
_symmetry.space_group_name_H-M   'P 1 21 1'
#
loop_
_entity.id
_entity.type
_entity.pdbx_description
1 polymer 'DNA (33-MER)'
2 polymer 'DNA (33-MER)'
3 polymer 'Replication initiation protein'
#
loop_
_entity_poly.entity_id
_entity_poly.type
_entity_poly.pdbx_seq_one_letter_code
_entity_poly.pdbx_strand_id
1 'polydeoxyribonucleotide'
;(DT)(DT)(DA)(DG)(DT)(DG)(DT)(DG)(DA)(DC)(DA)(DA)(DT)(DC)(DT)(DA)(DA)(DA)(DA)(DA)
(DC)(DT)(DT)(DG)(DT)(DC)(DA)(DC)(DA)(DC)(DT)(DT)(DC)
;
C
2 'polydeoxyribonucleotide'
;(DG)(DA)(DA)(DG)(DT)(DG)(DT)(DG)(DA)(DC)(DA)(DA)(DG)(DT)(DT)(DT)(DT)(DT)(DA)(DG)
(DA)(DT)(DT)(DG)(DT)(DC)(DA)(DC)(DA)(DC)(DT)(DA)(DA)
;
D
3 'polypeptide(L)'
;MRGSHHHHHHGSIEGRAETAVINHKKRKNSPRIVQSNDLTEAAYSLSRDQKRMLYLFVDQIRKSDGTLQEHDGICEIHVA
KYAEIFGLTSAEASKDIRQALKSFAGKEVVFYRPEEDAGDEKGYESFPWFIKRAHSPSRGLYSVHINPYLIPFFIGLQNR
FTQFRLSETKEITNPYAMRLYESLCQYRKPDGSGIVSLKIDWIIERYQLPQSYQRMPDFRRRFLQVCVNEINSRTPMRLS
YIEKKKGRQTTHIVFSFRDITSMTTG
;
A,B
#
loop_
_chem_comp.id
_chem_comp.type
_chem_comp.name
_chem_comp.formula
DA DNA linking 2'-DEOXYADENOSINE-5'-MONOPHOSPHATE 'C10 H14 N5 O6 P'
DC DNA linking 2'-DEOXYCYTIDINE-5'-MONOPHOSPHATE 'C9 H14 N3 O7 P'
DG DNA linking 2'-DEOXYGUANOSINE-5'-MONOPHOSPHATE 'C10 H14 N5 O7 P'
DT DNA linking THYMIDINE-5'-MONOPHOSPHATE 'C10 H15 N2 O8 P'
#
# COMPACT_ATOMS: atom_id res chain seq x y z
N SER C 36 -14.04 13.16 13.63
CA SER C 36 -13.35 14.48 13.51
C SER C 36 -12.37 14.48 12.32
N ASN C 37 -11.07 14.55 12.62
CA ASN C 37 -10.06 14.55 11.57
C ASN C 37 -9.48 13.14 11.41
N ASP C 38 -9.75 12.54 10.26
CA ASP C 38 -9.27 11.20 9.95
C ASP C 38 -7.73 11.20 9.80
N LEU C 39 -7.19 12.17 9.06
CA LEU C 39 -5.75 12.32 8.84
C LEU C 39 -5.00 12.08 10.16
N THR C 40 -5.66 12.42 11.26
CA THR C 40 -5.12 12.24 12.60
C THR C 40 -5.25 10.77 13.00
N GLU C 41 -6.48 10.28 12.90
CA GLU C 41 -6.80 8.90 13.22
C GLU C 41 -5.97 7.98 12.36
N ALA C 42 -5.23 8.56 11.43
CA ALA C 42 -4.39 7.78 10.55
C ALA C 42 -3.02 7.77 11.17
N ALA C 43 -2.58 8.94 11.62
CA ALA C 43 -1.26 9.05 12.22
C ALA C 43 -1.08 8.00 13.30
N TYR C 44 -1.99 7.98 14.28
CA TYR C 44 -1.92 7.01 15.38
C TYR C 44 -1.82 5.61 14.78
N SER C 45 -2.51 5.43 13.67
CA SER C 45 -2.51 4.15 13.00
C SER C 45 -1.11 3.72 12.53
N LEU C 46 -0.12 4.60 12.71
CA LEU C 46 1.26 4.34 12.26
C LEU C 46 2.25 3.79 13.26
N SER C 47 3.37 3.31 12.75
CA SER C 47 4.42 2.78 13.59
C SER C 47 5.10 4.00 14.16
N ARG C 48 5.68 3.86 15.35
CA ARG C 48 6.35 4.99 15.98
C ARG C 48 7.37 5.65 15.07
N ASP C 49 8.44 4.92 14.77
CA ASP C 49 9.50 5.46 13.93
C ASP C 49 8.89 6.19 12.72
N GLN C 50 7.72 5.72 12.27
CA GLN C 50 7.04 6.36 11.15
C GLN C 50 6.56 7.73 11.56
N LYS C 51 5.68 7.79 12.55
CA LYS C 51 5.19 9.08 13.00
C LYS C 51 6.35 9.98 13.41
N ARG C 52 7.47 9.38 13.77
CA ARG C 52 8.60 10.22 14.11
C ARG C 52 8.98 10.87 12.78
N MET C 53 9.29 10.03 11.78
CA MET C 53 9.62 10.55 10.46
C MET C 53 8.72 11.76 10.22
N LEU C 54 7.43 11.52 10.06
CA LEU C 54 6.47 12.60 9.84
C LEU C 54 6.81 13.91 10.55
N TYR C 55 7.37 13.86 11.76
CA TYR C 55 7.69 15.10 12.48
C TYR C 55 8.60 15.95 11.63
N LEU C 56 9.71 15.36 11.19
CA LEU C 56 10.64 16.07 10.35
C LEU C 56 9.85 16.91 9.38
N PHE C 57 9.24 16.22 8.43
CA PHE C 57 8.44 16.84 7.38
C PHE C 57 7.60 18.00 7.91
N VAL C 58 7.11 17.89 9.14
CA VAL C 58 6.30 18.97 9.70
C VAL C 58 7.13 20.00 10.41
N ASP C 59 8.31 19.58 10.90
CA ASP C 59 9.20 20.52 11.58
C ASP C 59 9.67 21.45 10.47
N GLN C 60 9.92 20.88 9.30
CA GLN C 60 10.37 21.64 8.14
C GLN C 60 9.30 22.61 7.64
N ILE C 61 8.04 22.20 7.76
CA ILE C 61 6.93 23.05 7.35
C ILE C 61 6.76 24.15 8.41
N ARG C 62 7.90 24.65 8.88
CA ARG C 62 7.95 25.70 9.89
C ARG C 62 9.22 26.51 9.65
N ASP C 72 5.27 22.15 -0.39
CA ASP C 72 5.94 22.06 -1.69
C ASP C 72 5.69 20.71 -2.37
N GLY C 73 6.69 19.84 -2.29
CA GLY C 73 6.57 18.51 -2.90
C GLY C 73 7.62 17.51 -2.46
N ILE C 74 8.73 17.42 -3.20
CA ILE C 74 9.82 16.48 -2.90
C ILE C 74 10.73 16.93 -1.75
N CYS C 75 10.99 16.01 -0.82
CA CYS C 75 11.86 16.24 0.34
C CYS C 75 12.74 15.00 0.51
N GLU C 76 13.94 15.18 1.05
CA GLU C 76 14.84 14.07 1.31
C GLU C 76 14.89 13.91 2.82
N ILE C 77 14.97 12.67 3.31
CA ILE C 77 15.00 12.47 4.75
C ILE C 77 16.40 12.62 5.29
N HIS C 78 16.64 13.74 5.98
CA HIS C 78 17.95 14.05 6.54
C HIS C 78 18.25 13.23 7.79
N VAL C 79 19.01 12.15 7.63
CA VAL C 79 19.35 11.31 8.78
C VAL C 79 19.87 12.15 9.94
N ALA C 80 20.93 12.92 9.68
CA ALA C 80 21.56 13.78 10.67
C ALA C 80 20.55 14.56 11.53
N LYS C 81 19.61 15.23 10.87
CA LYS C 81 18.61 16.02 11.56
C LYS C 81 17.76 15.11 12.45
N TYR C 82 17.39 13.97 11.90
CA TYR C 82 16.60 12.98 12.62
C TYR C 82 17.38 12.45 13.82
N ALA C 83 18.59 11.97 13.55
CA ALA C 83 19.48 11.42 14.58
C ALA C 83 19.56 12.29 15.83
N GLU C 84 19.77 13.58 15.67
CA GLU C 84 19.86 14.41 16.85
C GLU C 84 18.52 14.91 17.37
N ILE C 85 17.47 14.83 16.56
CA ILE C 85 16.16 15.30 17.03
C ILE C 85 15.51 14.26 17.93
N PHE C 86 16.16 13.09 18.01
CA PHE C 86 15.70 11.96 18.82
C PHE C 86 16.91 11.34 19.51
N GLY C 87 17.95 12.14 19.74
CA GLY C 87 19.17 11.65 20.38
C GLY C 87 19.59 10.29 19.83
N LEU C 88 20.31 10.30 18.71
CA LEU C 88 20.68 9.05 18.09
C LEU C 88 21.79 9.09 17.06
N THR C 89 22.52 7.98 16.95
CA THR C 89 23.57 7.90 15.97
C THR C 89 22.89 7.91 14.59
N SER C 90 23.65 8.24 13.56
CA SER C 90 23.10 8.23 12.22
C SER C 90 23.01 6.78 11.84
N ALA C 91 23.90 6.00 12.44
CA ALA C 91 23.92 4.56 12.21
C ALA C 91 22.53 4.03 12.47
N GLU C 92 22.00 4.34 13.65
CA GLU C 92 20.67 3.89 14.06
C GLU C 92 19.57 4.66 13.33
N ALA C 93 19.67 5.99 13.33
CA ALA C 93 18.68 6.84 12.66
C ALA C 93 18.50 6.24 11.28
N SER C 94 19.62 5.90 10.67
CA SER C 94 19.56 5.32 9.36
C SER C 94 18.59 4.16 9.40
N LYS C 95 19.05 3.06 10.01
CA LYS C 95 18.25 1.84 10.13
C LYS C 95 16.76 2.13 10.27
N ASP C 96 16.38 2.82 11.36
CA ASP C 96 14.98 3.15 11.61
C ASP C 96 14.42 3.73 10.31
N ILE C 97 14.79 4.96 9.98
CA ILE C 97 14.32 5.59 8.75
C ILE C 97 14.01 4.55 7.67
N ARG C 98 15.00 3.72 7.37
CA ARG C 98 14.86 2.70 6.34
C ARG C 98 13.65 1.80 6.54
N GLN C 99 13.50 1.23 7.73
CA GLN C 99 12.37 0.35 7.98
C GLN C 99 11.06 1.13 7.86
N ALA C 100 10.96 2.24 8.60
CA ALA C 100 9.79 3.09 8.59
C ALA C 100 9.31 3.27 7.15
N LEU C 101 10.16 3.89 6.33
CA LEU C 101 9.83 4.11 4.93
C LEU C 101 9.24 2.85 4.32
N LYS C 102 10.00 1.75 4.33
CA LYS C 102 9.52 0.47 3.81
C LYS C 102 8.12 0.11 4.35
N SER C 103 7.97 0.19 5.68
CA SER C 103 6.69 -0.11 6.33
C SER C 103 5.59 0.78 5.81
N PHE C 104 5.97 2.01 5.45
CA PHE C 104 5.04 3.00 4.91
C PHE C 104 4.51 2.56 3.56
N ALA C 105 4.94 1.40 3.09
CA ALA C 105 4.47 0.93 1.80
C ALA C 105 2.96 0.85 1.88
N GLY C 106 2.33 0.48 0.77
CA GLY C 106 0.88 0.36 0.73
C GLY C 106 -0.05 1.10 1.69
N LYS C 107 0.32 2.25 2.23
CA LYS C 107 -0.57 2.95 3.15
C LYS C 107 -1.44 4.00 2.46
N GLU C 108 -2.26 4.67 3.25
CA GLU C 108 -3.16 5.70 2.74
C GLU C 108 -4.08 6.26 3.83
N VAL C 109 -4.56 7.47 3.59
CA VAL C 109 -5.44 8.19 4.50
C VAL C 109 -6.83 8.20 3.89
N VAL C 110 -7.84 7.86 4.69
CA VAL C 110 -9.21 7.83 4.21
C VAL C 110 -10.06 8.93 4.80
N PHE C 111 -10.65 9.71 3.92
CA PHE C 111 -11.53 10.77 4.36
C PHE C 111 -12.90 10.25 4.01
N TYR C 112 -13.69 9.93 5.02
CA TYR C 112 -15.03 9.42 4.80
C TYR C 112 -15.95 10.51 4.30
N ARG C 113 -17.03 10.10 3.66
CA ARG C 113 -18.01 11.02 3.13
C ARG C 113 -19.43 10.60 3.42
N PRO C 114 -20.29 11.59 3.72
CA PRO C 114 -21.71 11.44 4.04
C PRO C 114 -22.57 11.50 2.78
N GLU C 115 -22.73 12.71 2.22
CA GLU C 115 -23.54 12.93 1.02
C GLU C 115 -23.27 11.90 -0.05
N GLU C 116 -22.02 11.86 -0.50
CA GLU C 116 -21.57 10.95 -1.52
C GLU C 116 -22.09 9.53 -1.36
N ASP C 117 -22.59 9.18 -0.17
CA ASP C 117 -23.09 7.81 -0.01
C ASP C 117 -24.59 7.70 0.00
N ALA C 118 -25.05 6.46 -0.02
CA ALA C 118 -26.46 6.13 -0.01
C ALA C 118 -26.63 4.67 0.36
N GLY C 119 -27.61 4.39 1.21
CA GLY C 119 -27.85 3.02 1.61
C GLY C 119 -26.81 2.46 2.57
N ASP C 120 -26.88 1.16 2.81
CA ASP C 120 -25.94 0.49 3.71
C ASP C 120 -24.54 0.44 3.07
N GLU C 121 -24.15 1.58 2.49
CA GLU C 121 -22.87 1.72 1.81
C GLU C 121 -22.35 3.14 1.99
N LYS C 122 -21.24 3.30 2.71
CA LYS C 122 -20.66 4.61 2.96
C LYS C 122 -19.62 4.98 1.90
N GLY C 123 -19.63 6.26 1.52
CA GLY C 123 -18.72 6.76 0.49
C GLY C 123 -17.49 7.46 1.04
N TYR C 124 -16.39 7.37 0.29
CA TYR C 124 -15.13 7.97 0.70
C TYR C 124 -14.28 8.67 -0.36
N GLU C 125 -13.00 8.71 -0.06
CA GLU C 125 -11.98 9.33 -0.89
C GLU C 125 -10.70 9.03 -0.11
N SER C 126 -9.84 8.20 -0.69
CA SER C 126 -8.60 7.74 -0.06
C SER C 126 -7.30 8.19 -0.76
N PHE C 127 -6.25 8.44 0.04
CA PHE C 127 -4.94 8.88 -0.51
C PHE C 127 -3.73 8.23 0.14
N PRO C 128 -2.71 7.86 -0.65
CA PRO C 128 -1.52 7.24 -0.08
C PRO C 128 -0.67 8.34 0.57
N TRP C 129 0.10 8.02 1.60
CA TRP C 129 0.94 9.01 2.28
C TRP C 129 1.96 9.65 1.35
N PHE C 130 2.60 8.81 0.55
CA PHE C 130 3.63 9.28 -0.38
C PHE C 130 3.33 8.93 -1.83
N ILE C 131 3.30 9.93 -2.70
CA ILE C 131 3.07 9.72 -4.14
C ILE C 131 4.23 8.88 -4.64
N LYS C 132 5.42 9.20 -4.13
CA LYS C 132 6.65 8.51 -4.49
C LYS C 132 7.57 8.40 -3.27
N ARG C 133 8.32 7.30 -3.22
CA ARG C 133 9.26 7.04 -2.15
C ARG C 133 10.36 6.11 -2.65
N ALA C 134 11.59 6.31 -2.17
CA ALA C 134 12.71 5.47 -2.60
C ALA C 134 14.01 5.59 -1.80
N HIS C 135 14.77 4.50 -1.77
CA HIS C 135 16.05 4.46 -1.07
C HIS C 135 17.16 4.04 -2.02
N SER C 136 18.37 4.41 -1.65
CA SER C 136 19.56 4.11 -2.43
C SER C 136 20.75 4.01 -1.49
N PRO C 137 21.09 2.79 -1.08
CA PRO C 137 22.24 2.65 -0.18
C PRO C 137 23.47 3.32 -0.79
N SER C 138 23.67 3.07 -2.09
CA SER C 138 24.77 3.64 -2.86
C SER C 138 25.05 5.09 -2.45
N ARG C 139 24.14 6.00 -2.78
CA ARG C 139 24.31 7.40 -2.44
C ARG C 139 23.75 7.67 -1.05
N GLY C 140 23.64 6.61 -0.24
CA GLY C 140 23.13 6.72 1.13
C GLY C 140 22.02 7.73 1.36
N LEU C 141 21.17 7.91 0.35
CA LEU C 141 20.07 8.88 0.42
C LEU C 141 18.65 8.26 0.32
N TYR C 142 17.77 8.75 1.19
CA TYR C 142 16.37 8.33 1.28
C TYR C 142 15.50 9.47 0.74
N SER C 143 14.74 9.19 -0.32
CA SER C 143 13.87 10.20 -0.96
C SER C 143 12.39 9.87 -0.81
N VAL C 144 11.56 10.89 -0.68
CA VAL C 144 10.12 10.68 -0.57
C VAL C 144 9.32 11.83 -1.13
N HIS C 145 8.39 11.55 -2.03
CA HIS C 145 7.57 12.61 -2.59
C HIS C 145 6.23 12.61 -1.88
N ILE C 146 6.04 13.56 -0.97
CA ILE C 146 4.79 13.66 -0.23
C ILE C 146 3.61 13.97 -1.14
N ASN C 147 2.59 13.13 -1.07
CA ASN C 147 1.40 13.34 -1.86
C ASN C 147 0.89 14.73 -1.49
N PRO C 148 0.66 15.58 -2.51
CA PRO C 148 0.18 16.93 -2.27
C PRO C 148 -1.20 16.97 -1.60
N TYR C 149 -2.20 16.31 -2.18
CA TYR C 149 -3.53 16.32 -1.59
C TYR C 149 -3.51 16.44 -0.06
N LEU C 150 -2.61 15.68 0.56
CA LEU C 150 -2.44 15.61 2.01
C LEU C 150 -1.66 16.71 2.74
N ILE C 151 -0.58 17.19 2.13
CA ILE C 151 0.26 18.26 2.73
C ILE C 151 -0.51 19.26 3.59
N PRO C 152 -1.55 19.90 3.02
CA PRO C 152 -2.40 20.88 3.69
C PRO C 152 -2.89 20.57 5.11
N PHE C 153 -2.87 19.30 5.50
CA PHE C 153 -3.33 18.93 6.84
C PHE C 153 -2.20 18.74 7.84
N PHE C 154 -0.98 18.62 7.36
CA PHE C 154 0.17 18.43 8.24
C PHE C 154 0.19 19.46 9.37
N ILE C 155 0.19 20.74 9.00
CA ILE C 155 0.21 21.80 9.99
C ILE C 155 -0.64 21.41 11.21
N GLY C 156 -1.67 20.58 10.98
CA GLY C 156 -2.55 20.13 12.04
C GLY C 156 -1.88 19.22 13.03
N LEU C 157 -0.93 18.43 12.55
CA LEU C 157 -0.22 17.47 13.39
C LEU C 157 0.60 18.05 14.53
N GLN C 158 1.38 19.08 14.25
CA GLN C 158 2.21 19.69 15.30
C GLN C 158 1.49 19.93 16.62
N ASN C 159 0.25 20.43 16.52
CA ASN C 159 -0.56 20.67 17.71
C ASN C 159 -0.67 19.35 18.43
N ARG C 160 -0.59 18.27 17.64
CA ARG C 160 -0.67 16.92 18.18
C ARG C 160 0.70 16.45 18.63
N PHE C 161 1.63 16.37 17.70
CA PHE C 161 2.96 15.94 18.03
C PHE C 161 3.44 16.49 19.35
N THR C 162 2.97 17.68 19.70
CA THR C 162 3.40 18.35 20.92
C THR C 162 2.52 18.18 22.17
N GLN C 163 1.23 18.45 22.03
CA GLN C 163 0.34 18.33 23.18
C GLN C 163 0.15 16.88 23.59
N PHE C 164 -0.04 16.01 22.61
CA PHE C 164 -0.27 14.60 22.90
C PHE C 164 0.94 13.71 22.72
N ARG C 165 2.11 14.30 22.45
CA ARG C 165 3.38 13.57 22.26
C ARG C 165 3.19 12.37 21.34
N LEU C 166 2.70 12.61 20.14
CA LEU C 166 2.44 11.52 19.20
C LEU C 166 3.64 10.71 18.82
N SER C 167 4.75 11.41 18.61
CA SER C 167 6.00 10.80 18.17
C SER C 167 6.43 9.56 18.93
N GLU C 168 5.80 9.32 20.07
CA GLU C 168 6.17 8.18 20.90
C GLU C 168 4.95 7.33 21.24
N THR C 169 4.21 6.96 20.22
CA THR C 169 3.00 6.18 20.42
C THR C 169 2.96 5.01 19.48
N LYS C 170 2.85 3.81 20.01
CA LYS C 170 2.81 2.64 19.15
C LYS C 170 1.60 2.65 18.21
N GLU C 171 1.44 1.61 17.41
CA GLU C 171 0.33 1.56 16.47
C GLU C 171 -1.00 1.50 17.23
N ILE C 172 -1.92 2.38 16.88
CA ILE C 172 -3.22 2.46 17.51
C ILE C 172 -4.31 2.58 16.44
N THR C 173 -5.15 1.57 16.31
CA THR C 173 -6.22 1.64 15.32
C THR C 173 -7.62 1.83 15.91
N ASN C 174 -7.72 1.93 17.23
CA ASN C 174 -9.02 2.07 17.89
C ASN C 174 -9.44 3.52 18.00
N PRO C 175 -10.15 4.03 16.99
CA PRO C 175 -10.62 5.41 16.93
C PRO C 175 -11.19 5.94 18.22
N TYR C 176 -11.55 5.03 19.14
CA TYR C 176 -12.12 5.43 20.43
C TYR C 176 -11.00 5.55 21.44
N ALA C 177 -10.03 4.66 21.37
CA ALA C 177 -8.92 4.73 22.31
C ALA C 177 -8.37 6.14 22.13
N MET C 178 -8.03 6.44 20.89
CA MET C 178 -7.47 7.72 20.45
C MET C 178 -8.19 8.90 21.02
N ARG C 179 -9.49 8.90 20.77
CA ARG C 179 -10.35 9.98 21.23
C ARG C 179 -10.27 10.13 22.74
N LEU C 180 -10.43 9.03 23.47
CA LEU C 180 -10.37 9.04 24.93
C LEU C 180 -9.05 9.67 25.34
N TYR C 181 -7.97 9.10 24.78
CA TYR C 181 -6.59 9.51 25.02
C TYR C 181 -6.30 11.01 24.89
N GLU C 182 -6.86 11.64 23.86
CA GLU C 182 -6.63 13.05 23.68
C GLU C 182 -7.43 13.81 24.73
N SER C 183 -8.59 13.28 25.10
CA SER C 183 -9.41 13.92 26.13
C SER C 183 -8.65 13.88 27.47
N LEU C 184 -8.32 12.69 27.95
CA LEU C 184 -7.61 12.56 29.20
C LEU C 184 -6.39 13.47 29.24
N CYS C 185 -5.54 13.36 28.22
CA CYS C 185 -4.34 14.22 28.14
C CYS C 185 -4.76 15.64 28.45
N GLN C 186 -5.78 16.11 27.74
CA GLN C 186 -6.29 17.46 27.89
C GLN C 186 -6.22 17.96 29.33
N TYR C 187 -6.37 17.05 30.27
CA TYR C 187 -6.36 17.39 31.68
C TYR C 187 -5.05 17.13 32.41
N ARG C 188 -3.95 17.10 31.67
CA ARG C 188 -2.67 16.86 32.30
C ARG C 188 -2.22 18.13 33.00
N LYS C 189 -1.28 17.96 33.91
CA LYS C 189 -0.71 19.07 34.65
C LYS C 189 0.78 18.86 34.45
N PRO C 190 1.57 19.95 34.52
CA PRO C 190 3.03 19.87 34.33
C PRO C 190 3.74 18.85 35.23
N ASP C 191 3.00 17.81 35.65
CA ASP C 191 3.52 16.77 36.52
C ASP C 191 3.33 15.49 35.76
N GLY C 192 2.77 15.59 34.57
CA GLY C 192 2.51 14.41 33.78
C GLY C 192 1.68 13.44 34.60
N SER C 193 0.54 13.92 35.08
CA SER C 193 -0.35 13.12 35.92
C SER C 193 -1.74 13.76 36.05
N GLY C 194 -2.72 12.98 36.50
CA GLY C 194 -4.04 13.56 36.62
C GLY C 194 -5.22 12.65 36.90
N ILE C 195 -6.29 13.30 37.34
CA ILE C 195 -7.54 12.64 37.68
C ILE C 195 -8.61 13.52 37.05
N VAL C 196 -9.55 12.88 36.37
CA VAL C 196 -10.64 13.55 35.72
C VAL C 196 -11.84 12.61 35.66
N SER C 197 -13.01 13.16 36.00
CA SER C 197 -14.26 12.42 35.97
C SER C 197 -15.07 12.86 34.77
N LEU C 198 -15.53 11.86 34.03
CA LEU C 198 -16.31 12.08 32.82
C LEU C 198 -17.65 11.37 32.99
N LYS C 199 -18.71 11.96 32.47
CA LYS C 199 -20.04 11.35 32.57
C LYS C 199 -20.25 10.38 31.41
N ILE C 200 -20.64 9.15 31.71
CA ILE C 200 -20.87 8.14 30.69
C ILE C 200 -21.61 8.68 29.46
N ASP C 201 -22.78 9.24 29.69
CA ASP C 201 -23.55 9.78 28.59
C ASP C 201 -22.81 10.85 27.83
N TRP C 202 -21.76 11.40 28.43
CA TRP C 202 -20.97 12.43 27.79
C TRP C 202 -19.91 11.74 26.93
N ILE C 203 -19.41 10.64 27.47
CA ILE C 203 -18.39 9.84 26.81
C ILE C 203 -19.00 9.25 25.54
N ILE C 204 -20.02 8.43 25.71
CA ILE C 204 -20.68 7.79 24.58
C ILE C 204 -20.93 8.80 23.45
N GLU C 205 -20.97 10.08 23.83
CA GLU C 205 -21.20 11.14 22.88
C GLU C 205 -19.96 11.62 22.13
N ARG C 206 -19.16 12.47 22.77
CA ARG C 206 -17.98 13.02 22.11
C ARG C 206 -16.98 11.98 21.64
N TYR C 207 -17.39 10.73 21.70
CA TYR C 207 -16.58 9.61 21.24
C TYR C 207 -17.49 8.79 20.31
N GLN C 208 -18.63 9.38 19.92
CA GLN C 208 -19.62 8.76 19.04
C GLN C 208 -19.56 7.22 19.05
N LEU C 209 -19.87 6.62 20.19
CA LEU C 209 -19.88 5.18 20.33
C LEU C 209 -21.13 4.56 19.78
N PRO C 210 -21.09 3.24 19.55
CA PRO C 210 -22.25 2.50 19.03
C PRO C 210 -23.33 2.34 20.11
N GLN C 211 -24.59 2.50 19.73
CA GLN C 211 -25.70 2.40 20.67
C GLN C 211 -25.58 1.25 21.68
N SER C 212 -25.33 0.05 21.18
CA SER C 212 -25.23 -1.15 22.01
C SER C 212 -24.42 -0.97 23.26
N TYR C 213 -23.45 -0.07 23.21
CA TYR C 213 -22.57 0.18 24.33
C TYR C 213 -23.20 1.07 25.37
N GLN C 214 -24.47 1.40 25.19
CA GLN C 214 -25.16 2.22 26.16
C GLN C 214 -25.53 1.29 27.33
N ARG C 215 -25.56 0.00 27.03
CA ARG C 215 -25.85 -1.08 27.99
C ARG C 215 -24.55 -1.36 28.75
N MET C 216 -24.32 -0.58 29.81
CA MET C 216 -23.11 -0.66 30.63
C MET C 216 -22.17 -1.87 30.55
N PRO C 217 -22.66 -3.11 30.74
CA PRO C 217 -21.79 -4.29 30.68
C PRO C 217 -20.92 -4.38 29.43
N ASP C 218 -21.50 -3.96 28.29
CA ASP C 218 -20.81 -3.95 26.99
C ASP C 218 -19.82 -2.79 27.05
N PHE C 219 -20.34 -1.62 27.40
CA PHE C 219 -19.52 -0.43 27.54
C PHE C 219 -18.20 -0.86 28.19
N ARG C 220 -18.31 -1.72 29.19
CA ARG C 220 -17.16 -2.21 29.94
C ARG C 220 -16.03 -2.91 29.18
N ARG C 221 -16.39 -4.04 28.59
CA ARG C 221 -15.44 -4.88 27.89
C ARG C 221 -15.28 -4.50 26.45
N ARG C 222 -16.05 -3.52 25.98
CA ARG C 222 -15.88 -3.14 24.59
C ARG C 222 -15.10 -1.83 24.49
N PHE C 223 -15.42 -0.90 25.37
CA PHE C 223 -14.75 0.38 25.39
C PHE C 223 -13.76 0.42 26.56
N LEU C 224 -14.23 0.83 27.74
CA LEU C 224 -13.39 0.95 28.96
C LEU C 224 -12.22 -0.01 29.04
N GLN C 225 -12.48 -1.25 29.43
CA GLN C 225 -11.40 -2.21 29.51
C GLN C 225 -10.46 -2.05 28.30
N VAL C 226 -10.95 -2.36 27.10
CA VAL C 226 -10.16 -2.24 25.86
C VAL C 226 -9.27 -1.00 25.83
N CYS C 227 -9.89 0.17 25.72
CA CYS C 227 -9.12 1.40 25.65
C CYS C 227 -8.13 1.65 26.77
N VAL C 228 -8.59 1.70 28.01
CA VAL C 228 -7.65 1.92 29.08
C VAL C 228 -6.46 0.98 28.88
N ASN C 229 -6.73 -0.30 28.64
CA ASN C 229 -5.65 -1.27 28.43
C ASN C 229 -4.91 -1.09 27.12
N GLU C 230 -5.30 -0.08 26.36
CA GLU C 230 -4.71 0.22 25.06
C GLU C 230 -3.89 1.49 25.16
N ILE C 231 -4.15 2.26 26.21
CA ILE C 231 -3.44 3.49 26.45
C ILE C 231 -2.15 3.11 27.19
N ASN C 232 -2.20 1.94 27.84
CA ASN C 232 -1.08 1.46 28.63
C ASN C 232 -0.16 0.61 27.82
N SER C 233 -0.65 0.16 26.67
CA SER C 233 0.15 -0.67 25.82
C SER C 233 0.64 0.04 24.56
N ARG C 234 0.36 1.34 24.44
CA ARG C 234 0.77 2.05 23.24
C ARG C 234 1.28 3.46 23.49
N THR C 235 0.59 4.19 24.36
CA THR C 235 0.98 5.54 24.69
C THR C 235 1.83 5.54 25.96
N PRO C 236 2.45 6.70 26.28
CA PRO C 236 3.30 6.83 27.46
C PRO C 236 2.48 7.17 28.70
N MET C 237 1.17 6.98 28.61
CA MET C 237 0.28 7.28 29.73
C MET C 237 -0.18 6.01 30.44
N ARG C 238 -0.28 6.07 31.78
CA ARG C 238 -0.76 4.95 32.59
C ARG C 238 -2.17 5.29 33.07
N LEU C 239 -3.09 4.35 32.91
CA LEU C 239 -4.47 4.59 33.25
C LEU C 239 -5.18 3.64 34.19
N SER C 240 -5.76 4.23 35.23
CA SER C 240 -6.51 3.48 36.21
C SER C 240 -7.88 4.15 36.26
N TYR C 241 -8.90 3.38 36.58
CA TYR C 241 -10.24 3.93 36.62
C TYR C 241 -11.13 3.27 37.65
N ILE C 242 -12.13 4.03 38.09
CA ILE C 242 -13.11 3.58 39.07
C ILE C 242 -14.50 4.00 38.65
N GLU C 243 -15.45 3.09 38.79
CA GLU C 243 -16.84 3.36 38.45
C GLU C 243 -17.49 4.05 39.64
N LYS C 244 -18.00 5.26 39.42
CA LYS C 244 -18.67 6.02 40.47
C LYS C 244 -20.18 6.03 40.20
N LYS C 245 -20.90 5.16 40.90
CA LYS C 245 -22.36 5.03 40.74
C LYS C 245 -23.17 5.82 41.77
N LYS C 246 -24.34 6.27 41.35
CA LYS C 246 -25.27 7.01 42.20
C LYS C 246 -26.49 6.08 42.32
N GLY C 247 -26.34 5.07 43.17
CA GLY C 247 -27.39 4.10 43.37
C GLY C 247 -26.94 2.73 42.95
N ARG C 248 -27.56 2.21 41.89
CA ARG C 248 -27.24 0.90 41.33
C ARG C 248 -26.67 1.13 39.93
N GLN C 249 -27.20 2.16 39.27
CA GLN C 249 -26.76 2.54 37.93
C GLN C 249 -25.48 3.34 38.08
N THR C 250 -24.45 2.92 37.38
CA THR C 250 -23.16 3.57 37.45
C THR C 250 -23.18 4.82 36.58
N THR C 251 -22.88 5.95 37.19
CA THR C 251 -22.93 7.23 36.48
C THR C 251 -21.71 7.77 35.76
N HIS C 252 -20.56 7.76 36.44
CA HIS C 252 -19.34 8.30 35.85
C HIS C 252 -18.11 7.41 35.97
N ILE C 253 -17.12 7.69 35.14
CA ILE C 253 -15.86 6.95 35.17
C ILE C 253 -14.79 7.95 35.56
N VAL C 254 -14.07 7.64 36.63
CA VAL C 254 -13.01 8.52 37.10
C VAL C 254 -11.65 7.92 36.83
N PHE C 255 -10.99 8.54 35.86
CA PHE C 255 -9.66 8.11 35.46
C PHE C 255 -8.57 8.86 36.21
N SER C 256 -7.44 8.20 36.35
CA SER C 256 -6.26 8.77 37.01
C SER C 256 -5.07 8.28 36.22
N PHE C 257 -4.44 9.21 35.49
CA PHE C 257 -3.29 8.86 34.70
C PHE C 257 -2.06 9.59 35.20
N ARG C 258 -0.92 9.15 34.71
CA ARG C 258 0.35 9.73 35.07
C ARG C 258 1.28 9.42 33.91
N ASP C 259 2.39 10.14 33.81
CA ASP C 259 3.37 9.95 32.73
C ASP C 259 4.36 8.82 33.03
N ILE C 260 4.20 7.71 32.33
CA ILE C 260 5.04 6.57 32.56
C ILE C 260 6.51 6.88 32.41
N THR C 261 6.85 7.94 31.69
CA THR C 261 8.26 8.28 31.53
C THR C 261 8.83 8.70 32.88
N SER C 262 8.05 9.44 33.66
CA SER C 262 8.50 9.89 34.97
C SER C 262 8.12 8.99 36.14
N MET C 263 7.90 7.71 35.84
CA MET C 263 7.58 6.71 36.85
C MET C 263 8.74 5.72 37.00
N THR C 264 8.89 5.18 38.21
CA THR C 264 9.95 4.23 38.49
C THR C 264 9.46 2.83 38.84
N THR C 265 8.19 2.54 38.60
CA THR C 265 7.72 1.21 38.94
C THR C 265 6.61 0.78 38.03
N GLY C 266 6.33 -0.53 38.03
CA GLY C 266 5.27 -1.11 37.20
C GLY C 266 4.07 -0.20 36.92
N GLN D 35 8.11 -0.47 -25.81
CA GLN D 35 9.31 -0.99 -25.05
C GLN D 35 8.82 -1.87 -23.93
N SER D 36 9.70 -2.17 -22.98
CA SER D 36 9.35 -3.00 -21.82
C SER D 36 9.83 -2.38 -20.51
N ASN D 37 9.40 -2.95 -19.38
CA ASN D 37 9.80 -2.48 -18.05
C ASN D 37 8.93 -3.02 -16.91
N ASP D 38 9.28 -2.63 -15.68
CA ASP D 38 8.57 -3.06 -14.49
C ASP D 38 7.07 -2.93 -14.63
N LEU D 39 6.56 -1.70 -14.60
CA LEU D 39 5.13 -1.46 -14.71
C LEU D 39 4.52 -2.38 -15.78
N THR D 40 5.33 -2.76 -16.76
CA THR D 40 4.87 -3.62 -17.82
C THR D 40 4.67 -5.05 -17.31
N GLU D 41 5.77 -5.74 -17.02
CA GLU D 41 5.73 -7.11 -16.51
C GLU D 41 5.11 -7.10 -15.12
N ALA D 42 4.66 -5.92 -14.71
CA ALA D 42 4.03 -5.73 -13.41
C ALA D 42 2.55 -5.97 -13.59
N ALA D 43 2.06 -5.67 -14.77
CA ALA D 43 0.64 -5.84 -15.11
C ALA D 43 0.27 -7.31 -15.19
N TYR D 44 1.14 -8.12 -15.78
CA TYR D 44 0.90 -9.55 -15.92
C TYR D 44 0.37 -10.21 -14.64
N SER D 45 0.77 -9.67 -13.50
CA SER D 45 0.33 -10.19 -12.20
C SER D 45 -1.14 -9.86 -11.96
N LEU D 46 -1.49 -8.60 -12.11
CA LEU D 46 -2.85 -8.12 -11.93
C LEU D 46 -3.93 -9.17 -12.12
N SER D 47 -4.92 -9.15 -11.22
CA SER D 47 -6.06 -10.07 -11.25
C SER D 47 -6.99 -9.79 -12.44
N ARG D 48 -7.76 -10.80 -12.86
CA ARG D 48 -8.70 -10.60 -13.97
C ARG D 48 -9.34 -9.25 -13.74
N ASP D 49 -9.99 -9.16 -12.59
CA ASP D 49 -10.67 -7.95 -12.17
C ASP D 49 -9.85 -6.71 -12.37
N GLN D 50 -8.66 -6.69 -11.81
CA GLN D 50 -7.84 -5.50 -11.98
C GLN D 50 -7.62 -5.29 -13.46
N LYS D 51 -7.20 -6.35 -14.16
CA LYS D 51 -6.96 -6.28 -15.59
C LYS D 51 -8.19 -5.65 -16.22
N ARG D 52 -9.34 -6.20 -15.89
CA ARG D 52 -10.59 -5.70 -16.44
C ARG D 52 -10.70 -4.23 -16.20
N MET D 53 -10.11 -3.74 -15.13
CA MET D 53 -10.20 -2.33 -14.81
C MET D 53 -9.09 -1.56 -15.49
N LEU D 54 -7.89 -2.13 -15.47
CA LEU D 54 -6.74 -1.49 -16.07
C LEU D 54 -7.04 -1.13 -17.54
N TYR D 55 -8.05 -1.75 -18.11
CA TYR D 55 -8.38 -1.47 -19.50
C TYR D 55 -9.23 -0.24 -19.62
N LEU D 56 -10.35 -0.19 -18.90
CA LEU D 56 -11.22 0.97 -18.95
C LEU D 56 -10.39 2.22 -18.67
N PHE D 57 -9.26 2.00 -18.02
CA PHE D 57 -8.34 3.08 -17.69
C PHE D 57 -7.54 3.39 -18.95
N VAL D 58 -6.66 2.45 -19.31
CA VAL D 58 -5.81 2.55 -20.50
C VAL D 58 -6.50 3.27 -21.63
N ASP D 59 -7.79 2.98 -21.82
CA ASP D 59 -8.55 3.63 -22.87
C ASP D 59 -8.32 5.14 -22.73
N GLN D 60 -8.81 5.71 -21.65
CA GLN D 60 -8.63 7.13 -21.44
C GLN D 60 -7.13 7.48 -21.45
N ILE D 61 -6.43 7.19 -20.36
CA ILE D 61 -4.99 7.47 -20.26
C ILE D 61 -4.16 6.30 -20.79
N ASP D 72 -5.99 15.12 -15.29
CA ASP D 72 -5.10 14.82 -16.41
C ASP D 72 -4.94 13.32 -16.55
N GLY D 73 -4.66 12.66 -15.42
CA GLY D 73 -4.50 11.21 -15.40
C GLY D 73 -5.57 10.62 -14.50
N ILE D 74 -6.79 11.10 -14.69
CA ILE D 74 -7.97 10.69 -13.92
C ILE D 74 -8.80 9.64 -14.63
N CYS D 75 -9.70 9.00 -13.86
CA CYS D 75 -10.58 7.98 -14.39
C CYS D 75 -11.85 7.85 -13.56
N GLU D 76 -12.96 7.58 -14.22
CA GLU D 76 -14.20 7.41 -13.52
C GLU D 76 -14.73 6.07 -13.99
N ILE D 77 -15.54 5.44 -13.16
CA ILE D 77 -16.13 4.14 -13.48
C ILE D 77 -17.54 4.11 -12.90
N HIS D 78 -18.53 3.84 -13.72
CA HIS D 78 -19.92 3.79 -13.24
C HIS D 78 -20.36 2.34 -13.16
N VAL D 79 -20.45 1.84 -11.93
CA VAL D 79 -20.85 0.45 -11.65
C VAL D 79 -21.87 -0.16 -12.62
N ALA D 80 -22.76 0.68 -13.13
CA ALA D 80 -23.78 0.21 -14.05
C ALA D 80 -23.18 -0.04 -15.41
N LYS D 81 -22.81 1.04 -16.10
CA LYS D 81 -22.24 0.96 -17.43
C LYS D 81 -21.24 -0.18 -17.43
N TYR D 82 -20.52 -0.32 -16.32
CA TYR D 82 -19.56 -1.41 -16.17
C TYR D 82 -20.45 -2.67 -16.20
N ALA D 83 -20.99 -3.04 -15.03
CA ALA D 83 -21.86 -4.21 -14.82
C ALA D 83 -22.67 -4.73 -16.01
N GLU D 84 -22.96 -3.85 -16.97
CA GLU D 84 -23.70 -4.21 -18.19
C GLU D 84 -22.69 -4.93 -19.08
N ILE D 85 -21.51 -4.34 -19.16
CA ILE D 85 -20.43 -4.90 -19.95
C ILE D 85 -20.17 -6.33 -19.53
N PHE D 86 -19.97 -6.53 -18.23
CA PHE D 86 -19.62 -7.84 -17.73
C PHE D 86 -20.72 -8.77 -17.27
N GLY D 87 -21.97 -8.39 -17.45
CA GLY D 87 -23.08 -9.25 -17.05
C GLY D 87 -23.03 -9.64 -15.60
N LEU D 88 -22.93 -8.61 -14.75
CA LEU D 88 -22.89 -8.76 -13.30
C LEU D 88 -24.03 -7.91 -12.82
N THR D 89 -24.42 -8.09 -11.55
CA THR D 89 -25.52 -7.29 -11.00
C THR D 89 -24.93 -5.93 -10.78
N SER D 90 -25.77 -4.92 -10.68
CA SER D 90 -25.25 -3.57 -10.47
C SER D 90 -24.32 -3.55 -9.28
N ALA D 91 -24.69 -4.25 -8.20
CA ALA D 91 -23.88 -4.27 -6.97
C ALA D 91 -22.80 -5.34 -6.98
N GLU D 92 -23.00 -6.37 -7.78
CA GLU D 92 -22.01 -7.42 -7.88
C GLU D 92 -20.74 -6.79 -8.38
N ALA D 93 -20.89 -5.67 -9.09
CA ALA D 93 -19.73 -4.96 -9.64
C ALA D 93 -18.98 -4.28 -8.50
N SER D 94 -19.68 -3.36 -7.84
CA SER D 94 -19.14 -2.59 -6.74
C SER D 94 -18.23 -3.44 -5.87
N LYS D 95 -18.69 -4.65 -5.59
CA LYS D 95 -17.93 -5.58 -4.78
C LYS D 95 -16.63 -5.87 -5.56
N ASP D 96 -16.76 -6.31 -6.81
CA ASP D 96 -15.60 -6.62 -7.66
C ASP D 96 -14.71 -5.39 -7.84
N ILE D 97 -15.32 -4.23 -8.06
CA ILE D 97 -14.56 -3.01 -8.25
C ILE D 97 -13.70 -2.68 -7.04
N ARG D 98 -14.31 -2.43 -5.90
CA ARG D 98 -13.53 -2.06 -4.71
C ARG D 98 -12.52 -3.11 -4.26
N GLN D 99 -12.88 -4.37 -4.46
CA GLN D 99 -12.03 -5.48 -4.09
C GLN D 99 -10.65 -5.41 -4.75
N ALA D 100 -10.65 -5.15 -6.05
CA ALA D 100 -9.42 -5.07 -6.83
C ALA D 100 -8.78 -3.70 -6.64
N LEU D 101 -9.62 -2.67 -6.61
CA LEU D 101 -9.12 -1.34 -6.43
C LEU D 101 -8.32 -1.33 -5.13
N LYS D 102 -8.73 -2.14 -4.16
CA LYS D 102 -8.03 -2.25 -2.88
C LYS D 102 -6.69 -2.93 -3.09
N SER D 103 -6.72 -4.06 -3.80
CA SER D 103 -5.50 -4.83 -4.10
C SER D 103 -4.60 -3.96 -4.96
N PHE D 104 -5.18 -2.96 -5.64
CA PHE D 104 -4.38 -2.04 -6.46
C PHE D 104 -3.53 -1.23 -5.48
N ALA D 105 -4.16 -0.53 -4.53
CA ALA D 105 -3.40 0.19 -3.52
C ALA D 105 -2.69 -0.94 -2.83
N GLY D 106 -1.88 -0.66 -1.83
CA GLY D 106 -1.22 -1.79 -1.20
C GLY D 106 -0.12 -2.36 -2.08
N LYS D 107 -0.44 -2.97 -3.22
CA LYS D 107 0.62 -3.50 -4.07
C LYS D 107 1.14 -2.32 -4.88
N GLU D 108 2.10 -1.57 -4.32
CA GLU D 108 2.66 -0.42 -5.01
C GLU D 108 3.60 -0.90 -6.12
N VAL D 109 3.78 -0.05 -7.14
CA VAL D 109 4.67 -0.36 -8.28
C VAL D 109 6.06 0.08 -7.92
N VAL D 110 7.01 -0.86 -7.97
CA VAL D 110 8.36 -0.54 -7.60
C VAL D 110 9.39 -0.88 -8.66
N PHE D 111 10.37 0.00 -8.78
CA PHE D 111 11.47 -0.16 -9.72
C PHE D 111 12.75 -0.46 -8.94
N TYR D 112 13.15 -1.73 -8.90
CA TYR D 112 14.36 -2.12 -8.19
C TYR D 112 15.61 -1.65 -8.92
N ARG D 113 16.55 -1.07 -8.15
CA ARG D 113 17.82 -0.62 -8.72
C ARG D 113 18.92 -1.54 -8.25
N PRO D 114 19.56 -2.25 -9.19
CA PRO D 114 20.64 -3.18 -8.90
C PRO D 114 21.99 -2.51 -8.76
N GLU D 115 22.14 -1.36 -9.39
CA GLU D 115 23.40 -0.65 -9.32
C GLU D 115 23.40 0.24 -8.08
N GLU D 116 22.32 0.96 -7.90
CA GLU D 116 22.14 1.88 -6.79
C GLU D 116 22.29 1.27 -5.40
N ASP D 117 22.22 -0.04 -5.27
CA ASP D 117 22.33 -0.58 -3.92
C ASP D 117 23.72 -0.78 -3.36
N ALA D 118 23.77 -1.32 -2.15
CA ALA D 118 25.04 -1.55 -1.47
C ALA D 118 24.75 -2.43 -0.25
N GLY D 119 25.64 -3.37 0.01
CA GLY D 119 25.47 -4.26 1.14
C GLY D 119 24.24 -5.11 0.95
N ASP D 120 23.72 -5.68 2.02
CA ASP D 120 22.53 -6.52 1.96
C ASP D 120 21.37 -5.72 1.36
N GLU D 121 21.44 -4.40 1.49
CA GLU D 121 20.41 -3.48 1.02
C GLU D 121 20.28 -3.31 -0.50
N LYS D 122 19.05 -3.45 -0.99
CA LYS D 122 18.74 -3.29 -2.41
C LYS D 122 18.21 -1.87 -2.58
N GLY D 123 18.48 -1.23 -3.70
CA GLY D 123 17.98 0.12 -3.87
C GLY D 123 16.64 0.10 -4.59
N TYR D 124 15.78 1.08 -4.31
CA TYR D 124 14.48 1.12 -4.97
C TYR D 124 13.93 2.50 -5.19
N GLU D 125 12.80 2.53 -5.87
CA GLU D 125 12.08 3.74 -6.16
C GLU D 125 10.67 3.14 -6.34
N SER D 126 9.78 3.43 -5.40
CA SER D 126 8.42 2.88 -5.43
C SER D 126 7.35 3.95 -5.58
N PHE D 127 6.25 3.58 -6.23
CA PHE D 127 5.12 4.47 -6.47
C PHE D 127 3.80 3.73 -6.43
N PRO D 128 2.87 4.21 -5.59
CA PRO D 128 1.56 3.57 -5.48
C PRO D 128 0.82 3.82 -6.79
N TRP D 129 -0.03 2.87 -7.19
CA TRP D 129 -0.79 3.02 -8.43
C TRP D 129 -1.51 4.36 -8.51
N PHE D 130 -2.26 4.71 -7.47
CA PHE D 130 -3.04 5.94 -7.48
C PHE D 130 -2.58 6.99 -6.52
N ILE D 131 -3.04 8.21 -6.76
CA ILE D 131 -2.73 9.38 -5.93
C ILE D 131 -3.95 9.60 -5.11
N LYS D 132 -5.09 9.52 -5.76
CA LYS D 132 -6.36 9.73 -5.09
C LYS D 132 -7.34 8.71 -5.62
N ARG D 133 -7.97 8.00 -4.72
CA ARG D 133 -8.96 7.01 -5.11
C ARG D 133 -10.28 7.36 -4.43
N ALA D 134 -11.40 6.86 -4.95
CA ALA D 134 -12.69 7.16 -4.32
C ALA D 134 -13.90 6.43 -4.90
N HIS D 135 -14.96 6.43 -4.10
CA HIS D 135 -16.24 5.79 -4.45
C HIS D 135 -17.32 6.62 -3.79
N SER D 136 -18.40 6.91 -4.51
CA SER D 136 -19.49 7.70 -3.96
C SER D 136 -20.81 7.05 -4.32
N PRO D 137 -21.08 5.86 -3.76
CA PRO D 137 -22.34 5.15 -4.03
C PRO D 137 -23.54 6.03 -4.35
N SER D 138 -23.66 7.18 -3.69
CA SER D 138 -24.77 8.09 -3.94
C SER D 138 -24.86 8.33 -5.44
N ARG D 139 -23.72 8.25 -6.12
CA ARG D 139 -23.65 8.43 -7.56
C ARG D 139 -23.05 7.17 -8.21
N GLY D 140 -23.24 6.02 -7.54
CA GLY D 140 -22.76 4.72 -8.03
C GLY D 140 -21.57 4.75 -8.97
N LEU D 141 -20.57 5.56 -8.64
CA LEU D 141 -19.38 5.71 -9.46
C LEU D 141 -18.09 5.71 -8.63
N TYR D 142 -17.06 5.07 -9.19
CA TYR D 142 -15.76 4.97 -8.57
C TYR D 142 -14.72 5.79 -9.37
N SER D 143 -14.18 6.82 -8.74
CA SER D 143 -13.17 7.68 -9.35
C SER D 143 -11.77 7.20 -8.99
N VAL D 144 -10.78 7.71 -9.70
CA VAL D 144 -9.40 7.31 -9.49
C VAL D 144 -8.45 8.30 -10.18
N HIS D 145 -7.26 8.50 -9.63
CA HIS D 145 -6.29 9.40 -10.23
C HIS D 145 -4.94 8.72 -10.28
N ILE D 146 -4.59 8.20 -11.46
CA ILE D 146 -3.31 7.55 -11.63
C ILE D 146 -2.17 8.41 -11.10
N ASN D 147 -1.23 7.75 -10.43
CA ASN D 147 -0.08 8.43 -9.90
C ASN D 147 0.56 9.12 -11.09
N PRO D 148 0.77 10.44 -11.03
CA PRO D 148 1.38 11.07 -12.19
C PRO D 148 2.72 10.40 -12.59
N TYR D 149 3.46 9.88 -11.60
CA TYR D 149 4.74 9.22 -11.89
C TYR D 149 4.55 7.99 -12.74
N LEU D 150 3.34 7.45 -12.80
CA LEU D 150 3.16 6.25 -13.60
C LEU D 150 2.50 6.57 -14.94
N ILE D 151 1.91 7.75 -15.02
CA ILE D 151 1.26 8.19 -16.24
C ILE D 151 2.14 7.92 -17.45
N PRO D 152 3.35 8.51 -17.49
CA PRO D 152 4.22 8.27 -18.63
C PRO D 152 4.21 6.81 -19.07
N PHE D 153 4.63 5.92 -18.19
CA PHE D 153 4.68 4.49 -18.52
C PHE D 153 3.48 3.87 -19.22
N PHE D 154 2.31 4.48 -19.07
CA PHE D 154 1.13 3.94 -19.73
C PHE D 154 1.24 3.82 -21.26
N ILE D 155 1.89 4.80 -21.89
CA ILE D 155 2.08 4.82 -23.34
C ILE D 155 2.42 3.43 -23.92
N GLY D 156 3.32 2.72 -23.25
CA GLY D 156 3.71 1.41 -23.72
C GLY D 156 2.92 0.32 -23.00
N LEU D 157 2.23 0.73 -21.94
CA LEU D 157 1.40 -0.19 -21.19
C LEU D 157 0.22 -0.48 -22.10
N GLN D 158 -0.17 0.53 -22.87
CA GLN D 158 -1.25 0.42 -23.85
C GLN D 158 -0.75 -0.46 -24.96
N ASN D 159 0.54 -0.35 -25.25
CA ASN D 159 1.15 -1.17 -26.27
C ASN D 159 1.09 -2.66 -25.89
N ARG D 160 0.71 -2.93 -24.64
CA ARG D 160 0.63 -4.31 -24.13
C ARG D 160 -0.62 -5.12 -24.47
N PHE D 161 -1.81 -4.53 -24.33
CA PHE D 161 -3.03 -5.26 -24.68
C PHE D 161 -3.00 -5.32 -26.19
N THR D 162 -2.51 -4.23 -26.76
CA THR D 162 -2.37 -4.05 -28.20
C THR D 162 -1.56 -5.21 -28.82
N GLN D 163 -0.24 -5.05 -28.87
CA GLN D 163 0.62 -6.07 -29.49
C GLN D 163 0.73 -7.38 -28.76
N PHE D 164 0.77 -7.35 -27.44
CA PHE D 164 0.91 -8.62 -26.72
C PHE D 164 -0.37 -9.21 -26.17
N ARG D 165 -1.50 -8.60 -26.53
CA ARG D 165 -2.80 -9.10 -26.09
C ARG D 165 -2.76 -9.48 -24.63
N LEU D 166 -2.58 -8.49 -23.76
CA LEU D 166 -2.53 -8.73 -22.32
C LEU D 166 -3.92 -9.03 -21.80
N SER D 167 -4.89 -8.30 -22.34
CA SER D 167 -6.27 -8.45 -21.93
C SER D 167 -6.78 -9.88 -21.99
N GLU D 168 -5.98 -10.79 -22.53
CA GLU D 168 -6.39 -12.19 -22.60
C GLU D 168 -5.46 -13.05 -21.78
N THR D 169 -4.52 -12.39 -21.12
CA THR D 169 -3.55 -13.08 -20.30
C THR D 169 -4.10 -13.44 -18.94
N LYS D 170 -3.86 -14.66 -18.53
CA LYS D 170 -4.30 -15.07 -17.21
C LYS D 170 -3.29 -14.34 -16.31
N GLU D 171 -3.24 -14.70 -15.03
CA GLU D 171 -2.30 -14.05 -14.11
C GLU D 171 -0.95 -14.72 -14.19
N ILE D 172 0.11 -13.91 -14.19
CA ILE D 172 1.46 -14.42 -14.23
C ILE D 172 2.36 -13.66 -13.28
N THR D 173 3.17 -14.41 -12.54
CA THR D 173 4.07 -13.81 -11.56
C THR D 173 5.54 -14.02 -11.91
N ASN D 174 5.82 -14.88 -12.89
CA ASN D 174 7.20 -15.16 -13.29
C ASN D 174 7.62 -14.28 -14.44
N PRO D 175 8.55 -13.32 -14.19
CA PRO D 175 9.03 -12.41 -15.23
C PRO D 175 9.67 -13.16 -16.38
N TYR D 176 10.59 -14.05 -16.03
CA TYR D 176 11.28 -14.85 -17.02
C TYR D 176 10.23 -15.41 -17.96
N ALA D 177 9.17 -15.96 -17.40
CA ALA D 177 8.13 -16.53 -18.24
C ALA D 177 7.49 -15.49 -19.14
N MET D 178 7.29 -14.28 -18.60
CA MET D 178 6.68 -13.23 -19.39
C MET D 178 7.65 -12.66 -20.40
N ARG D 179 8.94 -12.74 -20.11
CA ARG D 179 9.95 -12.24 -21.04
C ARG D 179 9.87 -13.15 -22.25
N LEU D 180 10.38 -14.35 -22.08
CA LEU D 180 10.35 -15.37 -23.10
C LEU D 180 9.04 -15.35 -23.89
N TYR D 181 7.99 -14.81 -23.28
CA TYR D 181 6.70 -14.74 -23.93
C TYR D 181 6.63 -13.51 -24.85
N GLU D 182 7.11 -12.38 -24.36
CA GLU D 182 7.09 -11.18 -25.18
C GLU D 182 8.02 -11.34 -26.38
N SER D 183 9.06 -12.16 -26.26
CA SER D 183 9.98 -12.36 -27.37
C SER D 183 9.26 -13.12 -28.47
N LEU D 184 9.13 -14.42 -28.29
CA LEU D 184 8.45 -15.27 -29.27
C LEU D 184 7.37 -14.49 -30.03
N CYS D 185 6.43 -13.91 -29.27
CA CYS D 185 5.33 -13.15 -29.85
C CYS D 185 5.75 -12.08 -30.85
N GLN D 186 7.00 -11.63 -30.78
CA GLN D 186 7.49 -10.62 -31.70
C GLN D 186 7.53 -11.22 -33.11
N TYR D 187 7.85 -12.51 -33.16
CA TYR D 187 7.94 -13.22 -34.42
C TYR D 187 6.64 -13.93 -34.73
N ARG D 188 5.53 -13.20 -34.68
CA ARG D 188 4.22 -13.78 -34.99
C ARG D 188 4.24 -14.22 -36.45
N LYS D 189 3.06 -14.36 -37.03
CA LYS D 189 2.89 -14.75 -38.43
C LYS D 189 1.44 -14.51 -38.82
N PRO D 190 1.12 -14.62 -40.12
CA PRO D 190 -0.27 -14.40 -40.52
C PRO D 190 -1.20 -15.15 -39.56
N ASP D 191 -1.03 -16.47 -39.55
CA ASP D 191 -1.78 -17.37 -38.70
C ASP D 191 -1.42 -17.12 -37.24
N GLY D 192 -0.32 -16.40 -37.03
CA GLY D 192 0.11 -16.09 -35.67
C GLY D 192 1.05 -17.09 -35.05
N SER D 193 1.33 -18.18 -35.77
CA SER D 193 2.23 -19.21 -35.25
C SER D 193 3.66 -18.87 -35.62
N GLY D 194 4.55 -19.85 -35.53
CA GLY D 194 5.92 -19.58 -35.87
C GLY D 194 6.91 -20.44 -35.14
N ILE D 195 8.12 -20.52 -35.70
CA ILE D 195 9.21 -21.29 -35.12
C ILE D 195 10.40 -20.37 -35.01
N VAL D 196 11.00 -20.31 -33.82
CA VAL D 196 12.17 -19.47 -33.58
C VAL D 196 13.29 -20.28 -32.93
N SER D 197 14.52 -19.96 -33.30
CA SER D 197 15.68 -20.65 -32.75
C SER D 197 16.52 -19.60 -32.06
N LEU D 198 16.60 -19.67 -30.74
CA LEU D 198 17.37 -18.68 -30.00
C LEU D 198 18.57 -19.28 -29.31
N LYS D 199 19.61 -18.44 -29.18
CA LYS D 199 20.85 -18.85 -28.54
C LYS D 199 20.68 -18.90 -27.02
N ILE D 200 21.00 -20.05 -26.42
CA ILE D 200 20.89 -20.22 -25.00
C ILE D 200 21.55 -19.08 -24.25
N ASP D 201 22.76 -18.74 -24.65
CA ASP D 201 23.43 -17.65 -23.98
C ASP D 201 22.64 -16.36 -24.16
N TRP D 202 21.98 -16.22 -25.31
CA TRP D 202 21.20 -15.02 -25.60
C TRP D 202 19.93 -14.96 -24.78
N ILE D 203 19.25 -16.09 -24.67
CA ILE D 203 18.03 -16.17 -23.89
C ILE D 203 18.40 -16.12 -22.41
N ILE D 204 19.59 -15.61 -22.12
CA ILE D 204 20.03 -15.48 -20.75
C ILE D 204 20.32 -14.03 -20.47
N GLU D 205 21.27 -13.47 -21.20
CA GLU D 205 21.58 -12.07 -21.01
C GLU D 205 20.35 -11.23 -21.39
N ARG D 206 19.59 -11.64 -22.42
CA ARG D 206 18.41 -10.87 -22.80
C ARG D 206 17.27 -10.96 -21.78
N TYR D 207 17.31 -11.99 -20.93
CA TYR D 207 16.28 -12.17 -19.90
C TYR D 207 16.87 -12.09 -18.50
N GLN D 208 18.15 -11.71 -18.41
CA GLN D 208 18.81 -11.58 -17.12
C GLN D 208 18.66 -12.79 -16.21
N LEU D 209 18.57 -13.98 -16.81
CA LEU D 209 18.45 -15.17 -15.98
C LEU D 209 19.63 -15.25 -15.02
N PRO D 210 19.40 -15.80 -13.83
CA PRO D 210 20.43 -15.95 -12.80
C PRO D 210 21.60 -16.82 -13.28
N GLN D 211 22.80 -16.47 -12.81
CA GLN D 211 24.02 -17.18 -13.18
C GLN D 211 23.90 -18.69 -13.03
N SER D 212 23.47 -19.15 -11.87
CA SER D 212 23.33 -20.59 -11.65
C SER D 212 22.52 -21.26 -12.75
N TYR D 213 21.98 -20.46 -13.65
CA TYR D 213 21.17 -20.98 -14.74
C TYR D 213 21.87 -21.23 -16.06
N GLN D 214 23.19 -21.01 -16.10
CA GLN D 214 23.93 -21.27 -17.33
C GLN D 214 24.05 -22.79 -17.49
N ARG D 215 24.06 -23.49 -16.35
CA ARG D 215 24.15 -24.94 -16.32
C ARG D 215 22.87 -25.57 -16.88
N MET D 216 23.00 -26.36 -17.94
CA MET D 216 21.85 -26.98 -18.61
C MET D 216 20.85 -27.84 -17.83
N PRO D 217 21.30 -28.51 -16.76
CA PRO D 217 20.31 -29.32 -16.04
C PRO D 217 19.26 -28.36 -15.49
N ASP D 218 19.68 -27.59 -14.49
CA ASP D 218 18.84 -26.60 -13.85
C ASP D 218 18.05 -25.86 -14.93
N PHE D 219 18.76 -25.12 -15.78
CA PHE D 219 18.16 -24.35 -16.87
C PHE D 219 16.85 -24.94 -17.32
N ARG D 220 16.81 -26.26 -17.49
CA ARG D 220 15.59 -26.92 -17.90
C ARG D 220 14.51 -27.02 -16.82
N ARG D 221 14.91 -27.38 -15.60
CA ARG D 221 13.98 -27.58 -14.48
C ARG D 221 13.61 -26.31 -13.70
N ARG D 222 14.07 -25.14 -14.15
CA ARG D 222 13.73 -23.92 -13.45
C ARG D 222 13.38 -22.79 -14.40
N PHE D 223 13.82 -22.85 -15.64
CA PHE D 223 13.47 -21.80 -16.59
C PHE D 223 12.59 -22.32 -17.72
N LEU D 224 13.12 -23.26 -18.50
CA LEU D 224 12.37 -23.84 -19.60
C LEU D 224 11.07 -24.43 -19.09
N GLN D 225 11.05 -25.74 -18.81
CA GLN D 225 9.88 -26.42 -18.29
C GLN D 225 8.91 -25.41 -17.69
N VAL D 226 9.30 -24.83 -16.55
CA VAL D 226 8.50 -23.82 -15.86
C VAL D 226 7.84 -22.83 -16.81
N CYS D 227 8.59 -21.80 -17.16
CA CYS D 227 8.11 -20.74 -18.04
C CYS D 227 7.36 -21.21 -19.28
N VAL D 228 7.76 -22.33 -19.88
CA VAL D 228 7.03 -22.81 -21.05
C VAL D 228 5.65 -23.18 -20.61
N ASN D 229 5.59 -23.94 -19.54
CA ASN D 229 4.33 -24.39 -18.97
C ASN D 229 3.45 -23.19 -18.62
N GLU D 230 3.98 -22.27 -17.81
CA GLU D 230 3.22 -21.11 -17.40
C GLU D 230 2.90 -20.14 -18.53
N ILE D 231 2.86 -20.64 -19.75
CA ILE D 231 2.53 -19.82 -20.91
C ILE D 231 1.44 -20.58 -21.63
N ASN D 232 1.70 -21.86 -21.81
CA ASN D 232 0.77 -22.77 -22.48
C ASN D 232 -0.55 -22.76 -21.71
N SER D 233 -0.51 -22.33 -20.45
CA SER D 233 -1.71 -22.33 -19.60
C SER D 233 -2.18 -20.98 -19.10
N ARG D 234 -1.61 -19.89 -19.58
CA ARG D 234 -2.01 -18.58 -19.10
C ARG D 234 -2.07 -17.52 -20.18
N THR D 235 -1.74 -17.90 -21.41
CA THR D 235 -1.78 -16.98 -22.55
C THR D 235 -2.31 -17.71 -23.77
N PRO D 236 -2.67 -16.94 -24.82
CA PRO D 236 -3.18 -17.58 -26.03
C PRO D 236 -2.06 -18.06 -26.94
N MET D 237 -1.25 -19.00 -26.46
CA MET D 237 -0.15 -19.54 -27.25
C MET D 237 0.20 -20.95 -26.79
N ARG D 238 0.50 -21.84 -27.74
CA ARG D 238 0.86 -23.20 -27.39
C ARG D 238 2.34 -23.41 -27.66
N LEU D 239 3.15 -23.15 -26.64
CA LEU D 239 4.60 -23.25 -26.75
C LEU D 239 5.20 -24.67 -26.83
N SER D 240 5.96 -24.92 -27.90
CA SER D 240 6.62 -26.21 -28.15
C SER D 240 8.13 -25.99 -28.24
N TYR D 241 8.93 -26.73 -27.47
CA TYR D 241 10.38 -26.54 -27.54
C TYR D 241 11.19 -27.78 -27.96
N ILE D 242 12.30 -27.51 -28.68
CA ILE D 242 13.24 -28.53 -29.20
C ILE D 242 14.67 -27.99 -29.06
N GLU D 243 15.50 -28.62 -28.24
CA GLU D 243 16.86 -28.12 -28.08
C GLU D 243 17.89 -28.78 -29.00
N LYS D 244 18.65 -27.94 -29.72
CA LYS D 244 19.67 -28.45 -30.63
C LYS D 244 21.06 -28.47 -29.98
N LYS D 245 21.56 -29.69 -29.77
CA LYS D 245 22.88 -29.87 -29.16
C LYS D 245 23.84 -30.45 -30.19
N LYS D 246 24.94 -29.75 -30.40
CA LYS D 246 25.95 -30.19 -31.35
C LYS D 246 26.89 -31.11 -30.59
N GLY D 247 26.46 -32.38 -30.50
CA GLY D 247 27.23 -33.40 -29.83
C GLY D 247 27.06 -33.40 -28.33
N ARG D 248 28.02 -32.82 -27.64
CA ARG D 248 27.93 -32.78 -26.20
C ARG D 248 27.23 -31.52 -25.69
N GLN D 249 27.59 -30.34 -26.20
CA GLN D 249 26.97 -29.10 -25.73
C GLN D 249 25.77 -28.64 -26.55
N THR D 250 24.74 -28.15 -25.86
CA THR D 250 23.53 -27.66 -26.51
C THR D 250 23.66 -26.16 -26.64
N THR D 251 23.22 -25.62 -27.77
CA THR D 251 23.34 -24.19 -27.99
C THR D 251 22.06 -23.44 -28.27
N HIS D 252 21.28 -23.95 -29.22
CA HIS D 252 20.04 -23.28 -29.57
C HIS D 252 18.80 -24.10 -29.19
N ILE D 253 17.68 -23.39 -28.96
CA ILE D 253 16.42 -24.02 -28.60
C ILE D 253 15.34 -23.58 -29.59
N VAL D 254 14.69 -24.57 -30.20
CA VAL D 254 13.65 -24.35 -31.21
C VAL D 254 12.22 -24.18 -30.70
N PHE D 255 11.86 -22.95 -30.39
CA PHE D 255 10.51 -22.68 -29.89
C PHE D 255 9.48 -22.58 -31.00
N SER D 256 8.57 -23.54 -31.05
CA SER D 256 7.52 -23.51 -32.07
C SER D 256 6.16 -23.20 -31.45
N PHE D 257 5.74 -21.94 -31.51
CA PHE D 257 4.47 -21.55 -30.94
C PHE D 257 3.38 -21.44 -32.01
N ARG D 258 2.15 -21.31 -31.54
CA ARG D 258 0.98 -21.20 -32.42
C ARG D 258 -0.18 -20.57 -31.67
N ASP D 259 -0.86 -19.63 -32.33
CA ASP D 259 -2.00 -18.95 -31.71
C ASP D 259 -3.20 -19.88 -31.60
N ILE D 260 -3.54 -20.27 -30.37
CA ILE D 260 -4.65 -21.17 -30.14
C ILE D 260 -6.02 -20.52 -30.31
N THR D 261 -6.17 -19.29 -29.85
CA THR D 261 -7.45 -18.59 -29.97
C THR D 261 -8.03 -18.70 -31.37
N SER D 262 -7.47 -17.94 -32.30
CA SER D 262 -7.93 -17.95 -33.68
C SER D 262 -6.79 -18.04 -34.68
#